data_5T5C
#
_entry.id   5T5C
#
_cell.length_a   73.499
_cell.length_b   80.267
_cell.length_c   139.177
_cell.angle_alpha   90.000
_cell.angle_beta   90.000
_cell.angle_gamma   90.000
#
_symmetry.space_group_name_H-M   'P 21 21 21'
#
loop_
_entity.id
_entity.type
_entity.pdbx_description
1 polymer 'Nuclease EXOG, mitochondrial'
2 polymer "DNA (5'-D(P*CP*TP*GP*AP*CP*GP*TP*GP*C)-3')"
3 polymer "DNA (5'-D(P*GP*CP*AP*CP*GP*TP*CP*AP*G)-3')"
4 non-polymer 'MAGNESIUM ION'
5 water water
#
loop_
_entity_poly.entity_id
_entity_poly.type
_entity_poly.pdbx_seq_one_letter_code
_entity_poly.pdbx_strand_id
1 'polypeptide(L)'
;MKAVLEQFGFPLTGTEARCYTNHALSYDQAKRVPRWVLEHISKSKIMGDADRKHCKFKPDPNIPPTFSAFNEDYVGSGWS
RGAMAPAGNNKFSSKAMAETFYLSNIVPQDFDNNSGYWNRIEMYCRELTERFEDVWVVSGPLTLPQTRGDGKKIVSYQVI
GEDNVAVPSHLYKVILARRSSVSTEPLALGAFVVPNEAIGFQPQLTEFQVSLQDLEKLSGLVFFPHLDRTSDIRNICSVD
TCKLLDFQEFTLYLSTRKIEGARSVLRLEKIMENLKNAEIEPDDYFMSRYEKKLEELKAKEQSGTQIRKPSHHHHHH
;
A,B
2 'polydeoxyribonucleotide' (DC)(DT)(DG)(DA)(DC)(DG)(DT)(DG)(DC) C,E
3 'polydeoxyribonucleotide' (DG)(DC)(DA)(DC)(DG)(DT)(DC)(DA)(DG) D,F
#
loop_
_chem_comp.id
_chem_comp.type
_chem_comp.name
_chem_comp.formula
DA DNA linking 2'-DEOXYADENOSINE-5'-MONOPHOSPHATE 'C10 H14 N5 O6 P'
DC DNA linking 2'-DEOXYCYTIDINE-5'-MONOPHOSPHATE 'C9 H14 N3 O7 P'
DG DNA linking 2'-DEOXYGUANOSINE-5'-MONOPHOSPHATE 'C10 H14 N5 O7 P'
DT DNA linking THYMIDINE-5'-MONOPHOSPHATE 'C10 H15 N2 O8 P'
MG non-polymer 'MAGNESIUM ION' 'Mg 2'
#
# COMPACT_ATOMS: atom_id res chain seq x y z
N VAL A 4 26.26 7.72 6.55
CA VAL A 4 26.52 7.83 5.12
C VAL A 4 25.31 7.32 4.36
N LEU A 5 24.75 6.20 4.80
CA LEU A 5 23.59 5.63 4.14
C LEU A 5 22.44 6.64 4.06
N GLU A 6 22.20 7.35 5.15
CA GLU A 6 21.09 8.29 5.26
C GLU A 6 21.51 9.71 4.93
N GLN A 7 22.61 9.89 4.19
CA GLN A 7 23.15 11.20 3.90
C GLN A 7 22.08 12.16 3.38
N PHE A 8 21.21 11.69 2.49
CA PHE A 8 20.16 12.53 1.92
C PHE A 8 18.78 12.11 2.38
N GLY A 9 18.68 11.36 3.47
CA GLY A 9 17.41 10.97 4.04
C GLY A 9 16.92 9.63 3.53
N PHE A 10 16.10 8.99 4.34
CA PHE A 10 15.30 7.84 3.94
C PHE A 10 14.08 8.29 3.15
N PRO A 11 13.62 7.48 2.20
CA PRO A 11 12.37 7.80 1.50
C PRO A 11 11.21 7.96 2.48
N LEU A 12 10.29 8.83 2.11
CA LEU A 12 9.11 9.12 2.94
C LEU A 12 7.88 8.40 2.42
N THR A 13 7.16 7.72 3.33
CA THR A 13 5.94 7.01 2.96
C THR A 13 4.66 7.77 3.31
N GLY A 14 4.73 8.77 4.20
CA GLY A 14 3.59 9.63 4.44
C GLY A 14 2.45 8.97 5.20
N THR A 15 2.73 7.93 5.99
CA THR A 15 1.69 7.17 6.70
C THR A 15 1.44 7.66 8.12
N GLU A 16 2.06 8.76 8.54
CA GLU A 16 1.87 9.24 9.91
C GLU A 16 0.40 9.53 10.20
N ALA A 17 0.01 9.32 11.46
CA ALA A 17 -1.35 9.61 11.89
C ALA A 17 -1.63 11.10 11.77
N ARG A 18 -2.74 11.43 11.13
CA ARG A 18 -3.20 12.82 10.98
C ARG A 18 -4.48 13.01 11.77
N CYS A 19 -4.49 13.97 12.70
CA CYS A 19 -5.58 14.17 13.64
C CYS A 19 -6.40 15.40 13.25
N TYR A 20 -7.70 15.23 13.25
CA TYR A 20 -8.66 16.31 12.98
C TYR A 20 -9.52 16.49 14.23
N THR A 21 -10.58 17.29 14.12
CA THR A 21 -11.36 17.63 15.29
C THR A 21 -11.94 16.38 15.94
N ASN A 22 -12.49 15.48 15.13
CA ASN A 22 -13.18 14.32 15.67
C ASN A 22 -12.89 13.05 14.88
N HIS A 23 -11.76 12.98 14.18
CA HIS A 23 -11.30 11.73 13.61
C HIS A 23 -9.80 11.84 13.39
N ALA A 24 -9.18 10.70 13.12
CA ALA A 24 -7.78 10.66 12.72
C ALA A 24 -7.66 9.67 11.58
N LEU A 25 -6.64 9.84 10.73
CA LEU A 25 -6.47 8.90 9.65
C LEU A 25 -4.99 8.76 9.32
N SER A 26 -4.68 7.66 8.67
CA SER A 26 -3.41 7.50 7.95
C SER A 26 -3.70 7.45 6.45
N TYR A 27 -2.93 8.18 5.66
CA TYR A 27 -3.19 8.36 4.23
C TYR A 27 -2.29 7.46 3.40
N ASP A 28 -2.83 6.98 2.25
CA ASP A 28 -2.10 6.19 1.27
C ASP A 28 -1.83 7.08 0.06
N GLN A 29 -0.57 7.51 -0.05
CA GLN A 29 -0.13 8.45 -1.08
C GLN A 29 -0.13 7.81 -2.46
N ALA A 30 0.05 6.50 -2.55
CA ALA A 30 0.07 5.83 -3.83
C ALA A 30 -1.34 5.63 -4.38
N LYS A 31 -2.29 5.31 -3.50
CA LYS A 31 -3.66 5.03 -3.87
C LYS A 31 -4.57 6.24 -3.74
N ARG A 32 -4.08 7.31 -3.09
CA ARG A 32 -4.81 8.58 -2.94
C ARG A 32 -6.09 8.38 -2.13
N VAL A 33 -5.99 7.53 -1.10
CA VAL A 33 -7.16 7.23 -0.25
C VAL A 33 -6.65 7.00 1.16
N PRO A 34 -7.48 7.08 2.20
CA PRO A 34 -7.01 6.67 3.53
C PRO A 34 -6.75 5.17 3.60
N ARG A 35 -5.81 4.80 4.47
CA ARG A 35 -5.60 3.40 4.85
C ARG A 35 -6.53 3.00 5.97
N TRP A 36 -6.72 3.91 6.91
CA TRP A 36 -7.58 3.71 8.05
C TRP A 36 -8.04 5.07 8.53
N VAL A 37 -9.26 5.11 9.05
CA VAL A 37 -9.84 6.31 9.65
C VAL A 37 -10.47 5.90 10.97
N LEU A 38 -10.00 6.50 12.06
CA LEU A 38 -10.42 6.16 13.42
C LEU A 38 -11.33 7.26 13.96
N GLU A 39 -12.43 6.86 14.59
CA GLU A 39 -13.32 7.82 15.22
C GLU A 39 -13.80 7.26 16.55
N HIS A 40 -14.26 8.19 17.39
CA HIS A 40 -14.85 7.88 18.67
C HIS A 40 -16.16 8.63 18.75
N ILE A 41 -17.27 7.90 18.84
CA ILE A 41 -18.60 8.49 18.93
C ILE A 41 -19.20 8.23 20.30
N SER A 42 -20.02 9.21 20.71
CA SER A 42 -20.86 9.16 21.88
C SER A 42 -22.13 9.95 21.55
N LYS A 43 -23.16 9.74 22.36
CA LYS A 43 -24.47 10.31 22.06
C LYS A 43 -24.41 11.83 21.85
N SER A 44 -23.47 12.50 22.52
CA SER A 44 -23.41 13.96 22.39
C SER A 44 -22.87 14.37 21.03
N LYS A 45 -21.90 13.63 20.50
CA LYS A 45 -21.29 13.99 19.22
C LYS A 45 -22.30 13.99 18.09
N ILE A 46 -23.32 13.14 18.17
CA ILE A 46 -24.18 12.92 17.00
C ILE A 46 -25.39 13.83 17.07
N MET A 47 -25.41 14.75 18.05
CA MET A 47 -26.45 15.75 18.17
C MET A 47 -25.90 17.14 17.87
N GLY A 48 -26.72 17.96 17.25
CA GLY A 48 -26.37 19.35 17.02
C GLY A 48 -26.89 19.86 15.68
N ASP A 49 -26.51 21.09 15.35
CA ASP A 49 -27.07 21.79 14.19
C ASP A 49 -26.12 21.89 13.01
N ALA A 50 -25.02 21.13 13.01
CA ALA A 50 -24.13 21.13 11.85
C ALA A 50 -24.85 20.54 10.64
N ASP A 51 -24.64 21.15 9.47
CA ASP A 51 -25.44 20.87 8.28
C ASP A 51 -24.51 20.61 7.11
N ARG A 52 -24.58 19.41 6.54
CA ARG A 52 -23.68 19.09 5.45
C ARG A 52 -23.96 19.91 4.20
N LYS A 53 -25.13 20.57 4.12
CA LYS A 53 -25.42 21.38 2.95
C LYS A 53 -24.51 22.59 2.86
N HIS A 54 -23.82 22.94 3.95
CA HIS A 54 -22.87 24.04 3.95
C HIS A 54 -21.43 23.57 3.78
N CYS A 55 -21.23 22.29 3.49
CA CYS A 55 -19.92 21.70 3.36
C CYS A 55 -19.63 21.38 1.89
N LYS A 56 -18.35 21.20 1.58
CA LYS A 56 -17.91 20.96 0.21
C LYS A 56 -16.77 19.99 0.24
N PHE A 57 -16.84 18.97 -0.61
CA PHE A 57 -15.70 18.11 -0.84
C PHE A 57 -14.55 18.94 -1.39
N LYS A 58 -13.34 18.71 -0.89
CA LYS A 58 -12.19 19.46 -1.35
C LYS A 58 -10.93 18.71 -0.93
N PRO A 59 -9.82 18.92 -1.63
CA PRO A 59 -8.56 18.30 -1.20
C PRO A 59 -8.20 18.74 0.21
N ASP A 60 -7.60 17.82 0.95
CA ASP A 60 -7.08 18.11 2.28
C ASP A 60 -5.85 19.02 2.17
N PRO A 61 -5.87 20.24 2.73
CA PRO A 61 -4.73 21.15 2.57
C PRO A 61 -3.44 20.66 3.20
N ASN A 62 -3.50 19.63 4.06
CA ASN A 62 -2.32 19.08 4.71
C ASN A 62 -1.67 17.95 3.92
N ILE A 63 -2.30 17.49 2.84
CA ILE A 63 -1.72 16.45 1.99
C ILE A 63 -0.90 17.14 0.88
N PRO A 64 0.35 16.75 0.66
CA PRO A 64 1.09 17.33 -0.48
C PRO A 64 0.28 17.18 -1.76
N PRO A 65 0.10 18.26 -2.52
CA PRO A 65 -0.80 18.16 -3.69
C PRO A 65 -0.44 17.06 -4.66
N THR A 66 0.85 16.70 -4.80
CA THR A 66 1.24 15.61 -5.69
C THR A 66 0.53 14.30 -5.33
N PHE A 67 0.20 14.08 -4.06
CA PHE A 67 -0.42 12.83 -3.64
C PHE A 67 -1.89 12.98 -3.29
N SER A 68 -2.49 14.15 -3.53
CA SER A 68 -3.89 14.36 -3.20
C SER A 68 -4.81 13.93 -4.34
N ALA A 69 -5.99 13.45 -3.95
CA ALA A 69 -7.11 13.35 -4.88
C ALA A 69 -7.76 14.72 -5.03
N PHE A 70 -8.48 14.90 -6.15
CA PHE A 70 -9.20 16.14 -6.46
C PHE A 70 -10.59 15.77 -6.94
N ASN A 71 -11.50 16.75 -6.89
CA ASN A 71 -12.89 16.43 -7.26
C ASN A 71 -12.98 15.97 -8.70
N GLU A 72 -12.11 16.50 -9.57
CA GLU A 72 -12.10 16.10 -10.97
C GLU A 72 -11.83 14.60 -11.13
N ASP A 73 -11.19 13.96 -10.16
CA ASP A 73 -10.99 12.51 -10.22
C ASP A 73 -12.29 11.77 -10.05
N TYR A 74 -13.21 12.30 -9.24
CA TYR A 74 -14.44 11.61 -8.90
C TYR A 74 -15.62 11.95 -9.81
N VAL A 75 -15.80 13.22 -10.14
CA VAL A 75 -16.99 13.64 -10.87
C VAL A 75 -16.96 13.03 -12.26
N GLY A 76 -18.05 12.37 -12.64
CA GLY A 76 -18.15 11.70 -13.92
C GLY A 76 -17.51 10.33 -13.97
N SER A 77 -16.86 9.89 -12.89
CA SER A 77 -16.15 8.62 -12.90
C SER A 77 -17.08 7.42 -12.86
N GLY A 78 -18.34 7.61 -12.45
CA GLY A 78 -19.23 6.52 -12.14
C GLY A 78 -19.13 6.02 -10.72
N TRP A 79 -18.28 6.62 -9.90
CA TRP A 79 -18.11 6.28 -8.49
C TRP A 79 -18.44 7.50 -7.65
N SER A 80 -19.04 7.28 -6.48
CA SER A 80 -19.39 8.35 -5.57
C SER A 80 -18.27 8.58 -4.57
N ARG A 81 -18.29 9.77 -3.97
CA ARG A 81 -17.34 10.08 -2.91
C ARG A 81 -17.88 9.48 -1.61
N GLY A 82 -17.17 8.52 -1.06
CA GLY A 82 -17.61 7.81 0.12
C GLY A 82 -16.75 8.15 1.31
N ALA A 83 -17.36 8.79 2.32
CA ALA A 83 -16.64 9.24 3.50
C ALA A 83 -16.49 8.09 4.47
N MET A 84 -15.29 7.98 5.04
CA MET A 84 -14.98 6.92 5.99
C MET A 84 -15.38 7.36 7.39
N ALA A 85 -14.96 8.54 7.81
CA ALA A 85 -15.63 9.19 8.96
C ALA A 85 -16.87 9.92 8.46
N PRO A 86 -18.09 9.51 8.82
CA PRO A 86 -19.28 10.13 8.20
C PRO A 86 -19.62 11.48 8.79
N ALA A 87 -20.16 12.34 7.92
CA ALA A 87 -20.66 13.64 8.36
C ALA A 87 -21.68 13.48 9.47
N GLY A 88 -22.53 12.44 9.37
CA GLY A 88 -23.59 12.22 10.35
C GLY A 88 -23.11 11.92 11.76
N ASN A 89 -21.82 11.59 11.93
CA ASN A 89 -21.23 11.40 13.25
C ASN A 89 -20.73 12.71 13.85
N ASN A 90 -20.89 13.83 13.15
CA ASN A 90 -20.29 15.10 13.55
C ASN A 90 -21.30 16.24 13.54
N LYS A 91 -22.52 15.99 14.01
CA LYS A 91 -23.52 17.04 14.07
C LYS A 91 -23.17 18.11 15.09
N PHE A 92 -22.30 17.81 16.05
CA PHE A 92 -22.03 18.70 17.17
C PHE A 92 -21.12 19.87 16.78
N SER A 93 -20.39 19.77 15.67
CA SER A 93 -19.37 20.75 15.34
C SER A 93 -19.31 20.96 13.83
N SER A 94 -19.62 22.17 13.35
CA SER A 94 -19.52 22.44 11.93
C SER A 94 -18.10 22.19 11.43
N LYS A 95 -17.09 22.51 12.25
CA LYS A 95 -15.72 22.31 11.82
C LYS A 95 -15.42 20.83 11.61
N ALA A 96 -15.76 20.00 12.60
CA ALA A 96 -15.55 18.56 12.45
C ALA A 96 -16.24 18.01 11.20
N MET A 97 -17.50 18.41 10.99
CA MET A 97 -18.20 17.87 9.84
C MET A 97 -17.50 18.28 8.55
N ALA A 98 -17.12 19.56 8.45
CA ALA A 98 -16.43 20.02 7.24
C ALA A 98 -15.13 19.23 7.02
N GLU A 99 -14.42 18.88 8.10
CA GLU A 99 -13.18 18.13 7.91
C GLU A 99 -13.44 16.72 7.39
N THR A 100 -14.64 16.17 7.62
CA THR A 100 -14.96 14.89 6.97
C THR A 100 -15.15 15.02 5.47
N PHE A 101 -15.32 16.22 4.94
CA PHE A 101 -15.39 16.41 3.49
C PHE A 101 -14.02 16.58 2.83
N TYR A 102 -12.93 16.59 3.60
CA TYR A 102 -11.61 16.51 3.00
C TYR A 102 -11.46 15.18 2.27
N LEU A 103 -10.90 15.23 1.05
CA LEU A 103 -10.78 14.00 0.26
C LEU A 103 -9.84 12.99 0.90
N SER A 104 -9.05 13.40 1.88
CA SER A 104 -8.23 12.45 2.64
C SER A 104 -9.08 11.44 3.40
N ASN A 105 -10.36 11.73 3.58
CA ASN A 105 -11.33 10.87 4.25
C ASN A 105 -12.21 10.08 3.28
N ILE A 106 -11.96 10.20 1.97
CA ILE A 106 -12.88 9.74 0.94
C ILE A 106 -12.27 8.61 0.13
N VAL A 107 -13.12 7.65 -0.24
CA VAL A 107 -12.77 6.60 -1.19
C VAL A 107 -13.83 6.56 -2.28
N PRO A 108 -13.49 6.03 -3.45
CA PRO A 108 -14.51 5.78 -4.47
C PRO A 108 -15.45 4.67 -4.02
N GLN A 109 -16.74 4.96 -3.98
CA GLN A 109 -17.69 3.99 -3.45
C GLN A 109 -18.88 3.85 -4.38
N ASP A 110 -19.32 2.62 -4.57
CA ASP A 110 -20.56 2.37 -5.29
C ASP A 110 -21.69 3.21 -4.70
N PHE A 111 -22.46 3.88 -5.58
CA PHE A 111 -23.54 4.78 -5.13
C PHE A 111 -24.54 4.05 -4.22
N ASP A 112 -25.06 2.92 -4.68
CA ASP A 112 -26.08 2.20 -3.92
C ASP A 112 -25.56 1.77 -2.56
N ASN A 113 -24.34 1.23 -2.54
CA ASN A 113 -23.68 0.86 -1.29
C ASN A 113 -23.52 2.05 -0.38
N ASN A 114 -23.00 3.16 -0.91
CA ASN A 114 -22.79 4.37 -0.10
C ASN A 114 -24.11 4.81 0.53
N SER A 115 -25.18 4.85 -0.24
CA SER A 115 -26.46 5.36 0.24
C SER A 115 -27.32 4.32 0.93
N GLY A 116 -27.00 3.03 0.77
CA GLY A 116 -27.77 1.93 1.35
C GLY A 116 -27.07 1.16 2.46
N TYR A 117 -26.43 0.04 2.12
CA TYR A 117 -25.92 -0.87 3.15
C TYR A 117 -24.89 -0.20 4.04
N TRP A 118 -23.93 0.51 3.44
CA TRP A 118 -22.90 1.15 4.26
C TRP A 118 -23.51 2.23 5.14
N ASN A 119 -24.42 3.02 4.59
CA ASN A 119 -25.19 3.98 5.37
C ASN A 119 -25.85 3.31 6.58
N ARG A 120 -26.48 2.14 6.37
CA ARG A 120 -27.14 1.46 7.49
C ARG A 120 -26.15 0.97 8.53
N ILE A 121 -24.95 0.54 8.11
CA ILE A 121 -23.90 0.17 9.06
C ILE A 121 -23.52 1.39 9.90
N GLU A 122 -23.34 2.55 9.26
CA GLU A 122 -23.04 3.78 10.00
C GLU A 122 -24.16 4.10 10.99
N MET A 123 -25.41 3.92 10.58
CA MET A 123 -26.54 4.14 11.48
C MET A 123 -26.47 3.22 12.68
N TYR A 124 -26.09 1.96 12.48
CA TYR A 124 -25.97 1.04 13.60
C TYR A 124 -24.87 1.46 14.56
N CYS A 125 -23.72 1.91 14.02
CA CYS A 125 -22.67 2.45 14.88
C CYS A 125 -23.20 3.58 15.75
N ARG A 126 -24.02 4.47 15.19
CA ARG A 126 -24.60 5.52 16.03
C ARG A 126 -25.59 4.94 17.04
N GLU A 127 -26.35 3.93 16.62
CA GLU A 127 -27.31 3.31 17.53
C GLU A 127 -26.61 2.76 18.77
N LEU A 128 -25.39 2.27 18.60
CA LEU A 128 -24.65 1.66 19.71
C LEU A 128 -24.40 2.64 20.83
N THR A 129 -24.33 3.94 20.53
CA THR A 129 -24.13 4.91 21.60
C THR A 129 -25.33 5.02 22.54
N GLU A 130 -26.50 4.49 22.14
CA GLU A 130 -27.63 4.38 23.07
C GLU A 130 -27.45 3.27 24.08
N ARG A 131 -26.49 2.37 23.86
CA ARG A 131 -26.29 1.20 24.69
C ARG A 131 -24.88 1.11 25.30
N PHE A 132 -23.89 1.79 24.71
CA PHE A 132 -22.53 1.84 25.22
C PHE A 132 -22.13 3.30 25.38
N GLU A 133 -21.44 3.61 26.48
CA GLU A 133 -20.98 4.97 26.70
C GLU A 133 -20.01 5.41 25.62
N ASP A 134 -19.08 4.53 25.23
CA ASP A 134 -18.05 4.91 24.27
C ASP A 134 -17.99 3.91 23.13
N VAL A 135 -17.95 4.41 21.89
CA VAL A 135 -17.79 3.57 20.70
C VAL A 135 -16.63 4.11 19.86
N TRP A 136 -15.69 3.23 19.54
CA TRP A 136 -14.58 3.48 18.62
C TRP A 136 -14.80 2.71 17.32
N VAL A 137 -14.52 3.35 16.19
CA VAL A 137 -14.69 2.73 14.88
C VAL A 137 -13.48 3.03 14.00
N VAL A 138 -12.94 2.00 13.36
CA VAL A 138 -11.93 2.17 12.34
C VAL A 138 -12.51 1.68 11.03
N SER A 139 -12.47 2.53 10.01
CA SER A 139 -13.01 2.20 8.70
C SER A 139 -11.95 2.43 7.64
N GLY A 140 -12.02 1.66 6.55
CA GLY A 140 -11.07 1.90 5.48
C GLY A 140 -11.32 1.05 4.24
N PRO A 141 -10.56 1.32 3.18
CA PRO A 141 -10.69 0.55 1.95
C PRO A 141 -9.81 -0.69 1.92
N LEU A 142 -10.23 -1.65 1.09
CA LEU A 142 -9.43 -2.84 0.78
C LEU A 142 -9.47 -3.13 -0.72
N THR A 143 -8.38 -3.68 -1.23
CA THR A 143 -8.30 -4.25 -2.58
C THR A 143 -7.88 -5.72 -2.43
N LEU A 144 -8.87 -6.63 -2.42
CA LEU A 144 -8.63 -8.03 -2.12
C LEU A 144 -8.54 -8.86 -3.38
N PRO A 145 -7.86 -10.01 -3.30
CA PRO A 145 -7.76 -10.90 -4.46
C PRO A 145 -9.02 -11.71 -4.70
N GLN A 146 -9.15 -12.14 -5.94
CA GLN A 146 -10.11 -13.16 -6.34
C GLN A 146 -9.33 -14.40 -6.78
N THR A 147 -9.81 -15.57 -6.35
CA THR A 147 -9.22 -16.83 -6.76
C THR A 147 -9.94 -17.33 -8.00
N ARG A 148 -9.21 -17.53 -9.09
CA ARG A 148 -9.81 -18.10 -10.30
C ARG A 148 -9.79 -19.63 -10.23
N GLY A 149 -10.52 -20.24 -11.17
CA GLY A 149 -10.75 -21.68 -11.12
C GLY A 149 -9.48 -22.51 -11.11
N ASP A 150 -8.38 -21.99 -11.66
CA ASP A 150 -7.14 -22.73 -11.70
C ASP A 150 -6.28 -22.51 -10.47
N GLY A 151 -6.78 -21.77 -9.48
CA GLY A 151 -6.07 -21.56 -8.24
C GLY A 151 -5.26 -20.28 -8.20
N LYS A 152 -5.11 -19.59 -9.33
CA LYS A 152 -4.38 -18.33 -9.37
C LYS A 152 -5.18 -17.25 -8.63
N LYS A 153 -4.50 -16.49 -7.78
CA LYS A 153 -5.12 -15.43 -7.00
C LYS A 153 -4.66 -14.09 -7.53
N ILE A 154 -5.61 -13.22 -7.88
CA ILE A 154 -5.32 -11.98 -8.59
C ILE A 154 -6.04 -10.83 -7.93
N VAL A 155 -5.32 -9.75 -7.68
CA VAL A 155 -5.90 -8.50 -7.20
C VAL A 155 -6.14 -7.62 -8.41
N SER A 156 -7.40 -7.23 -8.64
CA SER A 156 -7.73 -6.29 -9.73
C SER A 156 -8.56 -5.15 -9.17
N TYR A 157 -8.21 -3.91 -9.51
CA TYR A 157 -9.06 -2.78 -9.14
C TYR A 157 -8.85 -1.63 -10.11
N GLN A 158 -9.91 -0.85 -10.26
CA GLN A 158 -9.90 0.32 -11.11
C GLN A 158 -9.21 1.48 -10.40
N VAL A 159 -8.53 2.33 -11.19
CA VAL A 159 -8.08 3.63 -10.73
C VAL A 159 -8.73 4.69 -11.60
N ILE A 160 -9.15 5.80 -10.99
CA ILE A 160 -9.99 6.77 -11.68
C ILE A 160 -9.33 8.15 -11.63
N GLY A 161 -9.59 8.93 -12.67
CA GLY A 161 -9.11 10.29 -12.75
C GLY A 161 -7.67 10.40 -13.20
N GLU A 162 -7.26 11.65 -13.47
CA GLU A 162 -5.86 11.91 -13.80
C GLU A 162 -4.94 11.43 -12.68
N ASP A 163 -5.40 11.45 -11.44
CA ASP A 163 -4.58 11.10 -10.28
C ASP A 163 -4.60 9.61 -9.94
N ASN A 164 -5.35 8.79 -10.67
CA ASN A 164 -5.38 7.34 -10.46
C ASN A 164 -5.77 7.00 -9.02
N VAL A 165 -6.94 7.45 -8.62
CA VAL A 165 -7.45 7.13 -7.29
C VAL A 165 -7.97 5.70 -7.30
N ALA A 166 -7.52 4.89 -6.35
CA ALA A 166 -7.85 3.47 -6.31
C ALA A 166 -9.28 3.24 -5.83
N VAL A 167 -10.02 2.44 -6.61
CA VAL A 167 -11.39 2.06 -6.25
C VAL A 167 -11.31 0.75 -5.46
N PRO A 168 -11.68 0.72 -4.18
CA PRO A 168 -11.56 -0.53 -3.41
C PRO A 168 -12.57 -1.61 -3.85
N SER A 169 -12.13 -2.86 -3.72
CA SER A 169 -13.04 -3.98 -3.89
C SER A 169 -13.94 -4.15 -2.68
N HIS A 170 -13.44 -3.81 -1.50
CA HIS A 170 -14.20 -4.00 -0.26
C HIS A 170 -13.93 -2.83 0.66
N LEU A 171 -14.82 -2.66 1.63
CA LEU A 171 -14.65 -1.70 2.72
C LEU A 171 -14.70 -2.46 4.03
N TYR A 172 -13.95 -2.00 5.03
CA TYR A 172 -13.95 -2.65 6.32
C TYR A 172 -14.36 -1.66 7.39
N LYS A 173 -14.95 -2.23 8.45
CA LYS A 173 -15.22 -1.47 9.67
C LYS A 173 -14.89 -2.38 10.85
N VAL A 174 -14.16 -1.83 11.81
CA VAL A 174 -13.90 -2.44 13.12
C VAL A 174 -14.59 -1.60 14.17
N ILE A 175 -15.40 -2.23 15.00
CA ILE A 175 -16.22 -1.57 16.01
C ILE A 175 -15.76 -2.09 17.37
N LEU A 176 -15.41 -1.16 18.26
CA LEU A 176 -15.00 -1.48 19.62
C LEU A 176 -15.84 -0.62 20.56
N ALA A 177 -16.63 -1.24 21.43
CA ALA A 177 -17.59 -0.54 22.27
C ALA A 177 -17.33 -0.86 23.74
N ARG A 178 -17.34 0.20 24.57
CA ARG A 178 -17.17 0.08 26.01
C ARG A 178 -18.44 0.59 26.71
N ARG A 179 -19.07 -0.30 27.48
CA ARG A 179 -20.35 -0.01 28.11
C ARG A 179 -20.27 1.25 28.96
N SER A 180 -19.30 1.31 29.87
CA SER A 180 -19.05 2.53 30.63
C SER A 180 -17.60 2.52 31.10
N SER A 181 -17.18 3.66 31.66
CA SER A 181 -15.85 3.76 32.24
C SER A 181 -15.67 2.81 33.41
N VAL A 182 -16.68 2.71 34.29
CA VAL A 182 -16.58 1.88 35.49
C VAL A 182 -17.01 0.43 35.23
N SER A 183 -17.48 0.11 34.03
CA SER A 183 -18.05 -1.20 33.78
C SER A 183 -17.04 -2.31 34.05
N THR A 184 -17.43 -3.26 34.89
CA THR A 184 -16.69 -4.52 35.05
C THR A 184 -16.95 -5.47 33.90
N GLU A 185 -17.69 -5.03 32.88
CA GLU A 185 -18.13 -5.87 31.79
C GLU A 185 -17.09 -5.89 30.67
N PRO A 186 -17.07 -6.94 29.86
CA PRO A 186 -16.10 -7.01 28.77
C PRO A 186 -16.34 -5.93 27.72
N LEU A 187 -15.30 -5.65 26.96
CA LEU A 187 -15.45 -4.82 25.78
C LEU A 187 -16.13 -5.63 24.69
N ALA A 188 -16.70 -4.93 23.72
CA ALA A 188 -17.40 -5.58 22.61
C ALA A 188 -16.69 -5.21 21.31
N LEU A 189 -16.36 -6.20 20.50
CA LEU A 189 -15.52 -5.98 19.33
C LEU A 189 -16.07 -6.78 18.15
N GLY A 190 -16.15 -6.12 17.00
CA GLY A 190 -16.49 -6.80 15.76
C GLY A 190 -15.74 -6.22 14.57
N ALA A 191 -15.37 -7.08 13.62
CA ALA A 191 -14.73 -6.66 12.38
C ALA A 191 -15.58 -7.16 11.21
N PHE A 192 -15.79 -6.29 10.23
CA PHE A 192 -16.68 -6.53 9.10
C PHE A 192 -16.03 -6.07 7.81
N VAL A 193 -16.26 -6.86 6.76
CA VAL A 193 -15.74 -6.60 5.43
C VAL A 193 -16.88 -6.75 4.45
N VAL A 194 -17.19 -5.70 3.70
CA VAL A 194 -18.35 -5.65 2.83
C VAL A 194 -17.87 -5.32 1.42
N PRO A 195 -18.39 -5.97 0.38
CA PRO A 195 -17.96 -5.61 -0.98
C PRO A 195 -18.50 -4.25 -1.42
N ASN A 196 -17.71 -3.57 -2.25
CA ASN A 196 -18.00 -2.21 -2.73
C ASN A 196 -18.97 -2.30 -3.90
N GLU A 197 -20.21 -2.69 -3.57
CA GLU A 197 -21.23 -2.95 -4.57
C GLU A 197 -22.60 -2.87 -3.91
N ALA A 198 -23.64 -2.85 -4.75
CA ALA A 198 -25.01 -2.83 -4.26
C ALA A 198 -25.29 -4.07 -3.42
N ILE A 199 -25.78 -3.85 -2.21
CA ILE A 199 -26.20 -4.93 -1.31
C ILE A 199 -27.63 -4.64 -0.88
N GLY A 200 -28.45 -5.67 -0.86
CA GLY A 200 -29.85 -5.49 -0.52
C GLY A 200 -30.11 -5.41 0.98
N PHE A 201 -31.37 -5.61 1.34
CA PHE A 201 -31.79 -5.70 2.73
C PHE A 201 -31.77 -7.13 3.26
N GLN A 202 -31.65 -8.12 2.38
CA GLN A 202 -31.68 -9.52 2.82
C GLN A 202 -30.46 -9.91 3.64
N PRO A 203 -29.23 -9.58 3.23
CA PRO A 203 -28.06 -10.08 3.98
C PRO A 203 -27.87 -9.34 5.29
N GLN A 204 -27.78 -10.10 6.38
CA GLN A 204 -27.50 -9.57 7.70
C GLN A 204 -26.03 -9.21 7.84
N LEU A 205 -25.78 -8.23 8.70
CA LEU A 205 -24.41 -7.76 8.92
C LEU A 205 -23.48 -8.91 9.31
N THR A 206 -23.97 -9.90 10.07
CA THR A 206 -23.09 -10.98 10.49
C THR A 206 -22.54 -11.77 9.30
N GLU A 207 -23.27 -11.79 8.18
CA GLU A 207 -22.75 -12.46 6.98
C GLU A 207 -21.44 -11.83 6.49
N PHE A 208 -21.12 -10.61 6.91
CA PHE A 208 -19.89 -9.94 6.50
C PHE A 208 -18.87 -9.88 7.62
N GLN A 209 -19.10 -10.60 8.72
CA GLN A 209 -18.21 -10.52 9.86
C GLN A 209 -17.01 -11.43 9.64
N VAL A 210 -15.83 -10.94 10.05
CA VAL A 210 -14.58 -11.69 9.97
C VAL A 210 -13.88 -11.58 11.32
N SER A 211 -12.96 -12.50 11.57
CA SER A 211 -12.14 -12.38 12.77
C SER A 211 -11.23 -11.15 12.66
N LEU A 212 -10.91 -10.55 13.80
CA LEU A 212 -10.00 -9.41 13.73
C LEU A 212 -8.66 -9.83 13.13
N GLN A 213 -8.17 -11.01 13.51
CA GLN A 213 -6.88 -11.47 12.99
C GLN A 213 -6.91 -11.62 11.47
N ASP A 214 -8.02 -12.09 10.92
CA ASP A 214 -8.15 -12.18 9.48
C ASP A 214 -8.12 -10.80 8.83
N LEU A 215 -8.87 -9.85 9.40
CA LEU A 215 -8.85 -8.51 8.83
C LEU A 215 -7.45 -7.92 8.87
N GLU A 216 -6.73 -8.13 9.97
CA GLU A 216 -5.38 -7.59 10.07
C GLU A 216 -4.49 -8.20 9.00
N LYS A 217 -4.64 -9.51 8.75
CA LYS A 217 -3.86 -10.13 7.68
C LYS A 217 -4.21 -9.55 6.32
N LEU A 218 -5.50 -9.29 6.08
CA LEU A 218 -5.96 -8.79 4.79
C LEU A 218 -5.54 -7.35 4.56
N SER A 219 -5.45 -6.56 5.62
CA SER A 219 -5.21 -5.13 5.52
C SER A 219 -3.77 -4.75 5.80
N GLY A 220 -2.96 -5.66 6.34
CA GLY A 220 -1.63 -5.31 6.81
C GLY A 220 -1.61 -4.30 7.93
N LEU A 221 -2.69 -4.22 8.72
CA LEU A 221 -2.80 -3.28 9.83
C LEU A 221 -2.96 -4.00 11.16
N VAL A 222 -2.54 -3.34 12.25
CA VAL A 222 -2.84 -3.79 13.60
C VAL A 222 -3.77 -2.76 14.22
N PHE A 223 -4.96 -3.19 14.61
CA PHE A 223 -5.95 -2.29 15.17
C PHE A 223 -5.87 -2.29 16.69
N PHE A 224 -6.13 -1.14 17.28
CA PHE A 224 -6.19 -0.97 18.73
C PHE A 224 -5.03 -1.70 19.42
N PRO A 225 -3.78 -1.35 19.08
CA PRO A 225 -2.62 -2.16 19.52
C PRO A 225 -2.31 -2.10 21.00
N HIS A 226 -2.90 -1.16 21.74
CA HIS A 226 -2.69 -1.07 23.18
C HIS A 226 -3.66 -1.94 23.96
N LEU A 227 -4.48 -2.72 23.27
CA LEU A 227 -5.52 -3.48 23.95
C LEU A 227 -4.91 -4.67 24.69
N ASP A 228 -5.33 -4.86 25.94
CA ASP A 228 -4.85 -5.97 26.76
C ASP A 228 -5.39 -7.29 26.22
N ARG A 229 -4.47 -8.19 25.86
CA ARG A 229 -4.83 -9.43 25.18
C ARG A 229 -5.43 -10.47 26.11
N THR A 230 -5.30 -10.31 27.43
CA THR A 230 -6.00 -11.17 28.38
C THR A 230 -7.26 -10.51 28.93
N SER A 231 -7.57 -9.28 28.53
CA SER A 231 -8.81 -8.66 28.96
C SER A 231 -9.99 -9.38 28.31
N ASP A 232 -11.16 -9.18 28.91
CA ASP A 232 -12.38 -9.87 28.50
C ASP A 232 -13.00 -9.07 27.35
N ILE A 233 -12.86 -9.58 26.14
CA ILE A 233 -13.47 -8.99 24.95
C ILE A 233 -14.39 -10.04 24.36
N ARG A 234 -15.60 -9.65 24.01
CA ARG A 234 -16.55 -10.57 23.42
C ARG A 234 -16.97 -10.09 22.05
N ASN A 235 -17.53 -11.02 21.28
CA ASN A 235 -18.09 -10.74 19.97
C ASN A 235 -19.24 -9.74 20.09
N ILE A 236 -19.11 -8.61 19.40
CA ILE A 236 -20.12 -7.56 19.49
C ILE A 236 -21.48 -8.08 19.07
N CYS A 237 -21.52 -9.08 18.21
CA CYS A 237 -22.77 -9.64 17.69
C CYS A 237 -23.36 -10.69 18.62
N SER A 238 -22.68 -11.03 19.71
CA SER A 238 -23.31 -11.85 20.75
C SER A 238 -23.74 -11.05 21.96
N VAL A 239 -23.03 -9.96 22.31
CA VAL A 239 -23.46 -9.11 23.40
C VAL A 239 -24.30 -7.93 22.93
N ASP A 240 -24.48 -7.77 21.61
CA ASP A 240 -25.42 -6.80 21.04
C ASP A 240 -26.10 -7.49 19.86
N THR A 241 -26.96 -6.76 19.15
CA THR A 241 -27.79 -7.33 18.10
C THR A 241 -27.07 -7.51 16.77
N CYS A 242 -26.22 -6.55 16.36
CA CYS A 242 -25.69 -6.51 14.99
C CYS A 242 -26.81 -6.53 13.96
N LYS A 243 -27.90 -5.81 14.24
CA LYS A 243 -29.10 -5.83 13.41
C LYS A 243 -29.25 -4.46 12.77
N LEU A 244 -29.08 -4.41 11.46
CA LEU A 244 -29.32 -3.19 10.70
C LEU A 244 -30.82 -2.95 10.54
N LEU A 245 -31.15 -1.75 10.08
CA LEU A 245 -32.54 -1.40 9.82
C LEU A 245 -33.06 -2.14 8.59
N ASP A 246 -34.31 -2.59 8.68
CA ASP A 246 -34.99 -3.17 7.54
C ASP A 246 -35.62 -2.06 6.70
N PHE A 247 -36.21 -2.44 5.57
CA PHE A 247 -36.72 -1.44 4.63
C PHE A 247 -37.65 -0.45 5.33
N GLN A 248 -38.67 -0.97 6.01
CA GLN A 248 -39.64 -0.09 6.66
C GLN A 248 -38.93 0.87 7.61
N GLU A 249 -38.11 0.34 8.51
CA GLU A 249 -37.45 1.20 9.48
C GLU A 249 -36.43 2.14 8.83
N PHE A 250 -35.83 1.74 7.70
CA PHE A 250 -34.88 2.61 7.01
C PHE A 250 -35.60 3.77 6.34
N THR A 251 -36.73 3.50 5.69
CA THR A 251 -37.54 4.56 5.11
C THR A 251 -38.07 5.49 6.19
N LEU A 252 -38.50 4.92 7.32
CA LEU A 252 -38.97 5.75 8.43
C LEU A 252 -37.86 6.66 8.92
N TYR A 253 -36.73 6.06 9.31
CA TYR A 253 -35.57 6.83 9.74
C TYR A 253 -35.27 7.98 8.78
N LEU A 254 -35.19 7.66 7.48
CA LEU A 254 -34.90 8.70 6.50
C LEU A 254 -35.94 9.82 6.58
N SER A 255 -37.22 9.44 6.65
CA SER A 255 -38.28 10.45 6.74
C SER A 255 -38.10 11.34 7.97
N THR A 256 -37.82 10.73 9.12
CA THR A 256 -37.53 11.49 10.34
C THR A 256 -36.38 12.47 10.12
N ARG A 257 -35.25 11.99 9.60
CA ARG A 257 -34.15 12.90 9.28
C ARG A 257 -34.64 14.05 8.42
N LYS A 258 -35.61 13.79 7.54
CA LYS A 258 -36.14 14.87 6.71
C LYS A 258 -37.07 15.80 7.49
N ILE A 259 -37.73 15.32 8.55
CA ILE A 259 -38.55 16.23 9.36
C ILE A 259 -37.67 17.07 10.28
N GLU A 260 -36.44 16.65 10.53
CA GLU A 260 -35.48 17.55 11.18
C GLU A 260 -35.37 18.85 10.38
N GLY A 261 -35.41 18.75 9.05
CA GLY A 261 -35.36 19.90 8.18
C GLY A 261 -36.74 20.32 7.70
N ALA A 262 -36.89 21.61 7.42
CA ALA A 262 -38.17 22.17 7.00
C ALA A 262 -37.91 23.35 6.07
N ARG A 263 -38.32 23.22 4.81
CA ARG A 263 -38.08 24.25 3.81
C ARG A 263 -39.35 24.85 3.23
N SER A 264 -40.40 24.06 3.02
CA SER A 264 -41.63 24.55 2.42
C SER A 264 -42.71 23.49 2.61
N VAL A 265 -43.96 23.91 2.37
CA VAL A 265 -45.10 23.01 2.58
C VAL A 265 -45.14 21.96 1.49
N LEU A 266 -45.05 22.38 0.22
CA LEU A 266 -45.14 21.43 -0.89
C LEU A 266 -44.07 20.35 -0.78
N ARG A 267 -42.89 20.70 -0.26
CA ARG A 267 -41.88 19.69 0.04
C ARG A 267 -42.43 18.63 0.98
N LEU A 268 -42.99 19.06 2.12
CA LEU A 268 -43.66 18.13 3.03
C LEU A 268 -44.64 17.25 2.28
N GLU A 269 -45.39 17.85 1.33
CA GLU A 269 -46.34 17.09 0.53
C GLU A 269 -45.64 15.95 -0.22
N LYS A 270 -44.58 16.26 -0.96
CA LYS A 270 -43.87 15.21 -1.70
C LYS A 270 -43.37 14.12 -0.77
N ILE A 271 -42.79 14.52 0.39
CA ILE A 271 -42.34 13.54 1.37
C ILE A 271 -43.44 12.54 1.66
N MET A 272 -44.56 13.03 2.22
CA MET A 272 -45.64 12.11 2.57
C MET A 272 -46.20 11.38 1.35
N GLU A 273 -46.03 11.94 0.15
CA GLU A 273 -46.44 11.25 -1.06
C GLU A 273 -45.65 9.95 -1.24
N ASN A 274 -44.33 10.07 -1.40
CA ASN A 274 -43.52 8.88 -1.62
C ASN A 274 -43.59 7.93 -0.42
N LEU A 275 -43.67 8.48 0.80
CA LEU A 275 -43.78 7.61 1.97
C LEU A 275 -45.08 6.84 1.97
N LYS A 276 -46.19 7.48 1.58
CA LYS A 276 -47.48 6.80 1.57
C LYS A 276 -47.62 5.82 0.43
N ASN A 277 -46.83 5.96 -0.65
CA ASN A 277 -46.87 4.93 -1.67
C ASN A 277 -46.36 3.58 -1.17
N ALA A 278 -45.71 3.54 0.00
CA ALA A 278 -45.18 2.29 0.56
C ALA A 278 -45.78 1.96 1.92
N GLU A 279 -46.93 2.54 2.26
CA GLU A 279 -47.67 2.20 3.49
C GLU A 279 -46.82 2.61 4.70
N ILE A 280 -46.48 1.68 5.60
CA ILE A 280 -45.77 1.99 6.84
C ILE A 280 -46.68 2.78 7.77
N GLU A 281 -47.01 2.19 8.92
CA GLU A 281 -47.79 2.89 9.93
C GLU A 281 -46.85 3.64 10.86
N PRO A 282 -46.89 4.98 10.92
CA PRO A 282 -46.01 5.72 11.82
C PRO A 282 -45.98 5.17 13.23
N ASP A 283 -44.84 4.62 13.65
CA ASP A 283 -44.71 4.11 15.00
C ASP A 283 -44.76 5.27 16.00
N ASP A 284 -44.85 4.92 17.28
CA ASP A 284 -45.04 5.92 18.31
C ASP A 284 -43.92 6.96 18.31
N TYR A 285 -42.69 6.52 18.04
CA TYR A 285 -41.55 7.44 18.10
C TYR A 285 -41.66 8.52 17.02
N PHE A 286 -41.81 8.12 15.76
CA PHE A 286 -41.86 9.09 14.67
C PHE A 286 -43.05 10.04 14.82
N MET A 287 -44.14 9.59 15.47
CA MET A 287 -45.25 10.49 15.76
C MET A 287 -44.87 11.50 16.83
N SER A 288 -44.38 11.02 17.98
CA SER A 288 -43.97 11.90 19.07
C SER A 288 -42.97 12.94 18.58
N ARG A 289 -42.09 12.55 17.67
CA ARG A 289 -41.17 13.49 17.04
C ARG A 289 -41.83 14.29 15.92
N TYR A 290 -43.01 13.87 15.46
CA TYR A 290 -43.70 14.59 14.39
C TYR A 290 -44.43 15.81 14.93
N GLU A 291 -45.12 15.67 16.06
CA GLU A 291 -45.85 16.81 16.62
C GLU A 291 -44.89 17.87 17.15
N LYS A 292 -43.85 17.46 17.87
CA LYS A 292 -42.90 18.41 18.45
C LYS A 292 -42.33 19.35 17.40
N LYS A 293 -42.15 18.86 16.16
CA LYS A 293 -41.64 19.68 15.08
C LYS A 293 -42.76 20.42 14.33
N LEU A 294 -43.88 19.73 14.06
CA LEU A 294 -44.99 20.38 13.39
C LEU A 294 -45.41 21.65 14.12
N GLU A 295 -45.57 21.55 15.45
CA GLU A 295 -45.92 22.73 16.24
C GLU A 295 -44.89 23.85 16.06
N GLU A 296 -43.60 23.50 16.13
CA GLU A 296 -42.55 24.50 15.97
C GLU A 296 -42.65 25.21 14.62
N LEU A 297 -42.96 24.45 13.56
CA LEU A 297 -42.96 25.02 12.21
C LEU A 297 -44.19 25.90 11.98
N LYS A 298 -45.37 25.46 12.42
CA LYS A 298 -46.52 26.33 12.28
C LYS A 298 -46.45 27.55 13.21
N ALA A 299 -45.55 27.53 14.20
CA ALA A 299 -45.37 28.67 15.09
C ALA A 299 -44.61 29.78 14.39
N VAL B 4 -9.79 11.21 23.89
CA VAL B 4 -9.79 9.79 24.22
C VAL B 4 -9.96 8.96 22.94
N LEU B 5 -9.92 9.65 21.80
CA LEU B 5 -10.02 8.95 20.53
C LEU B 5 -8.92 7.90 20.40
N GLU B 6 -7.75 8.16 20.96
CA GLU B 6 -6.61 7.25 20.87
C GLU B 6 -6.54 6.33 22.09
N GLN B 7 -7.69 6.05 22.70
CA GLN B 7 -7.72 5.34 23.97
C GLN B 7 -6.90 4.06 23.91
N PHE B 8 -7.06 3.29 22.84
CA PHE B 8 -6.37 2.01 22.68
C PHE B 8 -5.31 2.08 21.61
N GLY B 9 -4.82 3.27 21.30
CA GLY B 9 -3.79 3.43 20.29
C GLY B 9 -4.38 3.57 18.90
N PHE B 10 -3.62 4.27 18.02
CA PHE B 10 -3.92 4.34 16.60
C PHE B 10 -3.54 3.02 15.93
N PRO B 11 -4.21 2.67 14.83
CA PRO B 11 -3.78 1.49 14.08
C PRO B 11 -2.33 1.62 13.62
N LEU B 12 -1.67 0.48 13.54
CA LEU B 12 -0.26 0.42 13.13
C LEU B 12 -0.16 -0.06 11.70
N THR B 13 0.62 0.67 10.89
CA THR B 13 0.90 0.29 9.51
C THR B 13 2.26 -0.37 9.30
N GLY B 14 3.20 -0.23 10.24
CA GLY B 14 4.42 -1.00 10.16
C GLY B 14 5.41 -0.52 9.11
N THR B 15 5.34 0.77 8.75
CA THR B 15 6.19 1.27 7.66
C THR B 15 7.48 1.90 8.15
N GLU B 16 7.78 1.81 9.44
CA GLU B 16 8.99 2.44 9.97
C GLU B 16 10.23 1.96 9.22
N ALA B 17 11.21 2.86 9.06
CA ALA B 17 12.46 2.47 8.44
C ALA B 17 13.18 1.43 9.28
N ARG B 18 13.64 0.36 8.64
CA ARG B 18 14.40 -0.70 9.30
C ARG B 18 15.84 -0.69 8.77
N CYS B 19 16.81 -0.65 9.67
CA CYS B 19 18.20 -0.44 9.29
C CYS B 19 19.00 -1.73 9.49
N TYR B 20 19.77 -2.11 8.46
CA TYR B 20 20.63 -3.26 8.53
C TYR B 20 22.07 -2.80 8.34
N THR B 21 22.97 -3.76 8.15
CA THR B 21 24.39 -3.43 8.10
C THR B 21 24.72 -2.50 6.94
N ASN B 22 24.19 -2.80 5.75
CA ASN B 22 24.50 -1.98 4.59
C ASN B 22 23.27 -1.72 3.73
N HIS B 23 22.08 -1.74 4.34
CA HIS B 23 20.91 -1.25 3.64
C HIS B 23 19.84 -0.92 4.66
N ALA B 24 18.84 -0.19 4.20
CA ALA B 24 17.64 0.06 5.01
C ALA B 24 16.41 -0.13 4.14
N LEU B 25 15.28 -0.45 4.77
CA LEU B 25 14.05 -0.66 4.02
C LEU B 25 12.85 -0.25 4.84
N SER B 26 11.75 -0.02 4.14
CA SER B 26 10.43 0.08 4.73
C SER B 26 9.61 -1.07 4.19
N TYR B 27 8.87 -1.76 5.05
CA TYR B 27 8.21 -3.00 4.70
C TYR B 27 6.71 -2.75 4.51
N ASP B 28 6.12 -3.48 3.56
CA ASP B 28 4.70 -3.38 3.27
C ASP B 28 4.04 -4.65 3.82
N GLN B 29 3.30 -4.51 4.91
CA GLN B 29 2.72 -5.67 5.60
C GLN B 29 1.54 -6.28 4.83
N ALA B 30 0.90 -5.51 3.97
CA ALA B 30 -0.23 -6.02 3.19
C ALA B 30 0.24 -6.82 1.98
N LYS B 31 1.30 -6.37 1.32
CA LYS B 31 1.81 -7.03 0.13
C LYS B 31 2.94 -8.00 0.44
N ARG B 32 3.54 -7.92 1.63
CA ARG B 32 4.58 -8.86 2.08
C ARG B 32 5.87 -8.71 1.27
N VAL B 33 6.17 -7.47 0.91
CA VAL B 33 7.38 -7.06 0.17
C VAL B 33 7.85 -5.72 0.70
N PRO B 34 9.11 -5.36 0.44
CA PRO B 34 9.54 -3.99 0.75
C PRO B 34 8.84 -2.97 -0.14
N ARG B 35 8.61 -1.77 0.42
CA ARG B 35 8.16 -0.63 -0.38
C ARG B 35 9.35 0.05 -1.02
N TRP B 36 10.42 0.18 -0.25
CA TRP B 36 11.66 0.75 -0.74
C TRP B 36 12.82 0.11 0.02
N VAL B 37 13.96 -0.01 -0.67
CA VAL B 37 15.21 -0.45 -0.08
C VAL B 37 16.30 0.52 -0.51
N LEU B 38 16.98 1.13 0.46
CA LEU B 38 18.04 2.12 0.24
C LEU B 38 19.39 1.53 0.52
N GLU B 39 20.35 1.77 -0.38
CA GLU B 39 21.72 1.32 -0.15
C GLU B 39 22.69 2.41 -0.58
N HIS B 40 23.90 2.31 -0.02
CA HIS B 40 25.01 3.16 -0.37
C HIS B 40 26.16 2.25 -0.77
N ILE B 41 26.70 2.49 -1.96
CA ILE B 41 27.73 1.69 -2.60
C ILE B 41 28.95 2.57 -2.78
N SER B 42 30.12 1.98 -2.52
CA SER B 42 31.41 2.56 -2.85
C SER B 42 32.33 1.45 -3.33
N LYS B 43 33.51 1.86 -3.80
CA LYS B 43 34.54 0.93 -4.28
C LYS B 43 34.81 -0.17 -3.26
N SER B 44 34.92 0.19 -1.98
CA SER B 44 35.30 -0.78 -0.96
C SER B 44 34.21 -1.82 -0.73
N LYS B 45 32.93 -1.41 -0.71
CA LYS B 45 31.91 -2.35 -0.29
C LYS B 45 31.72 -3.48 -1.31
N ILE B 46 32.11 -3.28 -2.56
CA ILE B 46 31.88 -4.31 -3.57
C ILE B 46 33.11 -5.20 -3.77
N MET B 47 34.14 -5.00 -2.97
CA MET B 47 35.27 -5.92 -2.86
C MET B 47 35.14 -6.75 -1.59
N GLY B 48 35.71 -7.96 -1.61
CA GLY B 48 35.65 -8.82 -0.45
C GLY B 48 35.39 -10.28 -0.76
N ASP B 49 35.43 -11.13 0.27
CA ASP B 49 35.34 -12.56 0.12
C ASP B 49 33.95 -13.12 0.47
N ALA B 50 32.97 -12.26 0.79
CA ALA B 50 31.64 -12.77 1.13
C ALA B 50 31.07 -13.58 -0.02
N ASP B 51 30.54 -14.76 0.29
CA ASP B 51 30.13 -15.73 -0.72
C ASP B 51 28.66 -16.06 -0.50
N ARG B 52 27.85 -15.85 -1.53
CA ARG B 52 26.42 -16.07 -1.36
C ARG B 52 26.06 -17.55 -1.27
N LYS B 53 27.00 -18.45 -1.52
CA LYS B 53 26.70 -19.87 -1.31
C LYS B 53 26.64 -20.24 0.15
N HIS B 54 27.07 -19.35 1.04
CA HIS B 54 26.91 -19.55 2.48
C HIS B 54 25.61 -18.98 3.02
N CYS B 55 24.77 -18.37 2.16
CA CYS B 55 23.56 -17.70 2.60
C CYS B 55 22.32 -18.49 2.18
N LYS B 56 21.23 -18.24 2.91
CA LYS B 56 19.95 -18.85 2.59
C LYS B 56 18.85 -17.81 2.69
N PHE B 57 17.94 -17.82 1.73
CA PHE B 57 16.73 -17.04 1.86
C PHE B 57 15.97 -17.49 3.11
N LYS B 58 15.52 -16.53 3.91
CA LYS B 58 14.80 -16.85 5.13
C LYS B 58 13.96 -15.64 5.52
N PRO B 59 12.88 -15.85 6.27
CA PRO B 59 12.14 -14.71 6.80
C PRO B 59 13.04 -13.81 7.60
N ASP B 60 12.75 -12.52 7.52
CA ASP B 60 13.43 -11.54 8.34
C ASP B 60 13.02 -11.75 9.79
N PRO B 61 13.93 -12.08 10.71
CA PRO B 61 13.51 -12.35 12.09
C PRO B 61 12.89 -11.15 12.78
N ASN B 62 13.10 -9.94 12.27
CA ASN B 62 12.55 -8.73 12.87
C ASN B 62 11.18 -8.36 12.32
N ILE B 63 10.69 -9.08 11.32
CA ILE B 63 9.35 -8.82 10.79
C ILE B 63 8.36 -9.64 11.61
N PRO B 64 7.24 -9.07 12.07
CA PRO B 64 6.24 -9.91 12.73
C PRO B 64 5.83 -11.08 11.86
N PRO B 65 5.93 -12.31 12.35
CA PRO B 65 5.58 -13.46 11.50
C PRO B 65 4.23 -13.34 10.82
N THR B 66 3.23 -12.75 11.49
CA THR B 66 1.91 -12.54 10.91
C THR B 66 1.95 -11.87 9.54
N PHE B 67 2.96 -11.01 9.30
CA PHE B 67 3.06 -10.23 8.08
C PHE B 67 4.27 -10.58 7.22
N SER B 68 4.98 -11.64 7.56
CA SER B 68 6.17 -12.05 6.83
C SER B 68 5.79 -12.92 5.64
N ALA B 69 6.60 -12.85 4.59
CA ALA B 69 6.63 -13.89 3.57
C ALA B 69 7.46 -15.07 4.08
N PHE B 70 7.26 -16.21 3.42
CA PHE B 70 8.00 -17.42 3.73
C PHE B 70 8.44 -18.05 2.41
N ASN B 71 9.45 -18.92 2.47
CA ASN B 71 9.94 -19.52 1.24
C ASN B 71 8.85 -20.33 0.55
N GLU B 72 7.97 -20.97 1.33
CA GLU B 72 6.85 -21.72 0.76
C GLU B 72 5.99 -20.85 -0.18
N ASP B 73 5.92 -19.54 0.07
CA ASP B 73 5.19 -18.66 -0.84
C ASP B 73 5.83 -18.60 -2.22
N TYR B 74 7.16 -18.72 -2.30
CA TYR B 74 7.93 -18.54 -3.53
C TYR B 74 8.19 -19.86 -4.27
N VAL B 75 8.50 -20.92 -3.54
CA VAL B 75 8.92 -22.16 -4.16
C VAL B 75 7.76 -22.75 -4.95
N GLY B 76 7.99 -23.05 -6.23
CA GLY B 76 6.97 -23.60 -7.09
C GLY B 76 5.95 -22.60 -7.60
N SER B 77 6.14 -21.31 -7.34
CA SER B 77 5.19 -20.28 -7.76
C SER B 77 5.35 -19.85 -9.21
N GLY B 78 6.46 -20.19 -9.87
CA GLY B 78 6.78 -19.60 -11.14
C GLY B 78 7.55 -18.28 -11.05
N TRP B 79 7.70 -17.71 -9.87
CA TRP B 79 8.42 -16.46 -9.68
C TRP B 79 9.69 -16.72 -8.87
N SER B 80 10.73 -15.95 -9.17
CA SER B 80 11.98 -16.07 -8.43
C SER B 80 11.98 -15.08 -7.26
N ARG B 81 12.84 -15.36 -6.29
CA ARG B 81 13.11 -14.42 -5.21
C ARG B 81 14.08 -13.36 -5.72
N GLY B 82 13.61 -12.13 -5.81
CA GLY B 82 14.38 -11.04 -6.38
C GLY B 82 14.76 -10.04 -5.30
N ALA B 83 16.06 -9.97 -5.01
CA ALA B 83 16.57 -9.07 -3.99
C ALA B 83 16.60 -7.64 -4.51
N MET B 84 16.24 -6.71 -3.63
CA MET B 84 16.28 -5.31 -3.97
C MET B 84 17.67 -4.73 -3.69
N ALA B 85 18.22 -4.94 -2.49
CA ALA B 85 19.64 -4.69 -2.26
C ALA B 85 20.37 -5.98 -2.61
N PRO B 86 21.21 -5.99 -3.65
CA PRO B 86 21.78 -7.26 -4.13
C PRO B 86 22.96 -7.73 -3.30
N ALA B 87 23.07 -9.05 -3.20
CA ALA B 87 24.20 -9.69 -2.56
C ALA B 87 25.52 -9.15 -3.10
N GLY B 88 25.61 -8.97 -4.43
CA GLY B 88 26.83 -8.50 -5.06
C GLY B 88 27.29 -7.13 -4.61
N ASN B 89 26.41 -6.34 -3.98
CA ASN B 89 26.84 -5.08 -3.40
C ASN B 89 27.43 -5.24 -2.00
N ASN B 90 27.50 -6.47 -1.50
CA ASN B 90 27.89 -6.71 -0.12
C ASN B 90 29.01 -7.75 -0.04
N LYS B 91 29.92 -7.72 -1.02
CA LYS B 91 31.08 -8.60 -0.96
C LYS B 91 31.95 -8.32 0.24
N PHE B 92 31.95 -7.08 0.74
CA PHE B 92 32.81 -6.69 1.85
C PHE B 92 32.38 -7.29 3.20
N SER B 93 31.19 -7.86 3.31
CA SER B 93 30.68 -8.27 4.61
C SER B 93 29.72 -9.43 4.48
N SER B 94 30.08 -10.56 5.11
CA SER B 94 29.20 -11.71 5.12
C SER B 94 27.93 -11.44 5.91
N LYS B 95 28.02 -10.61 6.95
CA LYS B 95 26.83 -10.25 7.73
C LYS B 95 25.86 -9.44 6.89
N ALA B 96 26.34 -8.36 6.24
CA ALA B 96 25.44 -7.60 5.37
C ALA B 96 24.86 -8.50 4.29
N MET B 97 25.70 -9.33 3.65
CA MET B 97 25.17 -10.21 2.61
C MET B 97 24.04 -11.08 3.16
N ALA B 98 24.24 -11.71 4.32
CA ALA B 98 23.18 -12.54 4.88
C ALA B 98 21.89 -11.76 5.04
N GLU B 99 21.99 -10.50 5.49
CA GLU B 99 20.78 -9.73 5.66
C GLU B 99 20.07 -9.45 4.34
N THR B 100 20.80 -9.44 3.20
CA THR B 100 20.11 -9.25 1.93
C THR B 100 19.29 -10.46 1.52
N PHE B 101 19.53 -11.61 2.14
CA PHE B 101 18.71 -12.80 1.89
C PHE B 101 17.51 -12.89 2.82
N TYR B 102 17.30 -11.94 3.73
CA TYR B 102 16.03 -11.85 4.45
C TYR B 102 14.91 -11.53 3.46
N LEU B 103 13.75 -12.18 3.63
CA LEU B 103 12.67 -12.00 2.66
C LEU B 103 12.07 -10.60 2.72
N SER B 104 12.40 -9.81 3.73
CA SER B 104 12.03 -8.40 3.75
C SER B 104 12.69 -7.61 2.61
N ASN B 105 13.77 -8.13 2.02
CA ASN B 105 14.46 -7.50 0.89
C ASN B 105 14.01 -8.05 -0.47
N ILE B 106 13.01 -8.92 -0.48
CA ILE B 106 12.73 -9.80 -1.62
C ILE B 106 11.37 -9.49 -2.22
N VAL B 107 11.29 -9.56 -3.54
CA VAL B 107 10.00 -9.45 -4.24
C VAL B 107 9.91 -10.60 -5.22
N PRO B 108 8.68 -10.99 -5.63
CA PRO B 108 8.56 -11.99 -6.70
C PRO B 108 8.98 -11.36 -8.03
N GLN B 109 10.00 -11.93 -8.65
CA GLN B 109 10.60 -11.35 -9.84
C GLN B 109 10.69 -12.38 -10.95
N ASP B 110 10.31 -11.96 -12.15
CA ASP B 110 10.50 -12.79 -13.32
C ASP B 110 11.94 -13.31 -13.36
N PHE B 111 12.10 -14.61 -13.60
CA PHE B 111 13.43 -15.20 -13.50
C PHE B 111 14.41 -14.60 -14.50
N ASP B 112 13.99 -14.47 -15.77
CA ASP B 112 14.88 -13.93 -16.80
C ASP B 112 15.29 -12.50 -16.48
N ASN B 113 14.32 -11.68 -16.07
CA ASN B 113 14.59 -10.30 -15.69
C ASN B 113 15.59 -10.23 -14.53
N ASN B 114 15.36 -11.05 -13.51
CA ASN B 114 16.22 -11.09 -12.33
C ASN B 114 17.65 -11.39 -12.72
N SER B 115 17.85 -12.44 -13.51
CA SER B 115 19.21 -12.85 -13.84
C SER B 115 19.75 -12.16 -15.09
N GLY B 116 18.95 -11.35 -15.79
CA GLY B 116 19.38 -10.68 -17.00
C GLY B 116 19.37 -9.16 -16.88
N TYR B 117 18.28 -8.50 -17.31
CA TYR B 117 18.29 -7.04 -17.42
C TYR B 117 18.49 -6.38 -16.07
N TRP B 118 17.77 -6.84 -15.04
CA TRP B 118 17.90 -6.24 -13.72
C TRP B 118 19.30 -6.45 -13.16
N ASN B 119 19.84 -7.66 -13.37
CA ASN B 119 21.22 -7.95 -13.03
C ASN B 119 22.18 -6.95 -13.68
N ARG B 120 21.94 -6.65 -14.97
CA ARG B 120 22.84 -5.70 -15.64
C ARG B 120 22.66 -4.28 -15.10
N ILE B 121 21.46 -3.90 -14.66
CA ILE B 121 21.31 -2.60 -14.03
C ILE B 121 22.10 -2.55 -12.72
N GLU B 122 22.00 -3.62 -11.93
CA GLU B 122 22.81 -3.71 -10.72
C GLU B 122 24.30 -3.58 -11.04
N MET B 123 24.76 -4.30 -12.08
CA MET B 123 26.16 -4.20 -12.47
C MET B 123 26.53 -2.76 -12.82
N TYR B 124 25.64 -2.04 -13.49
CA TYR B 124 25.95 -0.65 -13.82
C TYR B 124 26.05 0.20 -12.55
N CYS B 125 25.14 -0.02 -11.58
CA CYS B 125 25.28 0.71 -10.32
C CYS B 125 26.66 0.48 -9.69
N ARG B 126 27.18 -0.75 -9.76
CA ARG B 126 28.52 -0.99 -9.21
C ARG B 126 29.59 -0.32 -10.07
N GLU B 127 29.38 -0.32 -11.39
CA GLU B 127 30.33 0.33 -12.29
C GLU B 127 30.47 1.80 -11.96
N LEU B 128 29.39 2.42 -11.47
CA LEU B 128 29.41 3.86 -11.19
C LEU B 128 30.42 4.21 -10.10
N THR B 129 30.73 3.27 -9.20
CA THR B 129 31.72 3.57 -8.15
C THR B 129 33.13 3.68 -8.72
N GLU B 130 33.33 3.37 -9.99
CA GLU B 130 34.62 3.63 -10.65
C GLU B 130 34.79 5.09 -11.03
N ARG B 131 33.70 5.86 -11.11
CA ARG B 131 33.73 7.24 -11.56
C ARG B 131 33.14 8.22 -10.55
N PHE B 132 32.44 7.74 -9.52
CA PHE B 132 31.91 8.54 -8.42
C PHE B 132 32.31 7.90 -7.10
N GLU B 133 32.71 8.72 -6.13
CA GLU B 133 33.10 8.18 -4.83
C GLU B 133 31.91 7.55 -4.11
N ASP B 134 30.72 8.16 -4.19
CA ASP B 134 29.57 7.64 -3.45
C ASP B 134 28.36 7.49 -4.34
N VAL B 135 27.70 6.33 -4.25
CA VAL B 135 26.48 6.07 -5.01
C VAL B 135 25.41 5.60 -4.03
N TRP B 136 24.25 6.22 -4.08
CA TRP B 136 23.08 5.83 -3.31
C TRP B 136 22.04 5.30 -4.28
N VAL B 137 21.33 4.24 -3.89
CA VAL B 137 20.34 3.61 -4.76
C VAL B 137 19.12 3.25 -3.92
N VAL B 138 17.93 3.62 -4.40
CA VAL B 138 16.68 3.16 -3.82
C VAL B 138 16.00 2.26 -4.85
N SER B 139 15.64 1.05 -4.44
CA SER B 139 15.00 0.09 -5.33
C SER B 139 13.70 -0.40 -4.70
N GLY B 140 12.74 -0.78 -5.54
CA GLY B 140 11.54 -1.37 -4.99
C GLY B 140 10.58 -1.84 -6.04
N PRO B 141 9.48 -2.43 -5.60
CA PRO B 141 8.43 -2.88 -6.52
C PRO B 141 7.41 -1.79 -6.82
N LEU B 142 6.69 -2.00 -7.93
CA LEU B 142 5.57 -1.14 -8.35
C LEU B 142 4.46 -2.02 -8.92
N THR B 143 3.21 -1.61 -8.67
CA THR B 143 2.02 -2.27 -9.26
C THR B 143 1.22 -1.19 -9.96
N LEU B 144 1.48 -1.01 -11.30
CA LEU B 144 0.95 0.07 -12.14
C LEU B 144 -0.28 -0.39 -12.91
N PRO B 145 -1.14 0.56 -13.27
CA PRO B 145 -2.33 0.23 -14.05
C PRO B 145 -2.02 0.07 -15.53
N GLN B 146 -2.91 -0.64 -16.21
CA GLN B 146 -2.93 -0.67 -17.65
C GLN B 146 -4.24 -0.05 -18.10
N THR B 147 -4.18 0.69 -19.20
CA THR B 147 -5.35 1.27 -19.82
C THR B 147 -5.95 0.25 -20.76
N ARG B 148 -7.19 -0.16 -20.48
CA ARG B 148 -7.87 -1.16 -21.26
C ARG B 148 -8.54 -0.52 -22.48
N GLY B 149 -9.02 -1.38 -23.39
CA GLY B 149 -9.59 -0.90 -24.63
C GLY B 149 -10.70 0.12 -24.45
N ASP B 150 -11.49 -0.02 -23.39
CA ASP B 150 -12.62 0.88 -23.17
C ASP B 150 -12.22 2.15 -22.44
N GLY B 151 -10.94 2.38 -22.21
CA GLY B 151 -10.49 3.56 -21.52
C GLY B 151 -10.30 3.39 -20.02
N LYS B 152 -10.93 2.38 -19.41
CA LYS B 152 -10.76 2.16 -17.98
C LYS B 152 -9.32 1.80 -17.67
N LYS B 153 -8.82 2.28 -16.54
CA LYS B 153 -7.49 1.96 -16.06
C LYS B 153 -7.59 0.97 -14.90
N ILE B 154 -6.95 -0.19 -15.05
CA ILE B 154 -7.07 -1.28 -14.10
C ILE B 154 -5.67 -1.67 -13.61
N VAL B 155 -5.53 -1.78 -12.30
CA VAL B 155 -4.38 -2.43 -11.68
C VAL B 155 -4.72 -3.89 -11.47
N SER B 156 -3.85 -4.79 -11.91
CA SER B 156 -4.11 -6.22 -11.76
C SER B 156 -2.79 -6.94 -11.55
N TYR B 157 -2.66 -7.68 -10.44
CA TYR B 157 -1.42 -8.41 -10.18
C TYR B 157 -1.74 -9.68 -9.40
N GLN B 158 -0.88 -10.68 -9.59
CA GLN B 158 -0.98 -11.94 -8.89
C GLN B 158 -0.46 -11.79 -7.47
N VAL B 159 -1.05 -12.56 -6.55
CA VAL B 159 -0.50 -12.74 -5.22
C VAL B 159 -0.26 -14.23 -5.05
N ILE B 160 0.88 -14.59 -4.45
CA ILE B 160 1.33 -15.97 -4.46
C ILE B 160 1.50 -16.50 -3.05
N GLY B 161 1.27 -17.80 -2.91
CA GLY B 161 1.48 -18.49 -1.66
C GLY B 161 0.30 -18.32 -0.72
N GLU B 162 0.35 -19.06 0.39
CA GLU B 162 -0.72 -18.88 1.36
C GLU B 162 -0.67 -17.50 2.00
N ASP B 163 0.46 -16.79 1.92
CA ASP B 163 0.54 -15.46 2.51
C ASP B 163 0.22 -14.33 1.53
N ASN B 164 -0.15 -14.66 0.29
CA ASN B 164 -0.57 -13.67 -0.71
C ASN B 164 0.48 -12.57 -0.92
N VAL B 165 1.69 -13.02 -1.25
CA VAL B 165 2.78 -12.09 -1.57
C VAL B 165 2.54 -11.47 -2.94
N ALA B 166 2.57 -10.14 -3.01
CA ALA B 166 2.21 -9.43 -4.24
C ALA B 166 3.34 -9.40 -5.26
N VAL B 167 3.02 -9.82 -6.48
CA VAL B 167 3.93 -9.80 -7.62
C VAL B 167 3.87 -8.41 -8.26
N PRO B 168 4.95 -7.64 -8.27
CA PRO B 168 4.91 -6.31 -8.89
C PRO B 168 4.83 -6.37 -10.40
N SER B 169 4.19 -5.36 -10.99
CA SER B 169 4.19 -5.27 -12.45
C SER B 169 5.49 -4.67 -12.96
N HIS B 170 6.16 -3.87 -12.13
CA HIS B 170 7.38 -3.17 -12.52
C HIS B 170 8.28 -3.10 -11.31
N LEU B 171 9.54 -2.77 -11.56
CA LEU B 171 10.53 -2.53 -10.54
C LEU B 171 11.13 -1.16 -10.83
N TYR B 172 11.45 -0.41 -9.78
CA TYR B 172 12.10 0.88 -9.96
C TYR B 172 13.47 0.91 -9.30
N LYS B 173 14.31 1.79 -9.84
CA LYS B 173 15.57 2.14 -9.22
C LYS B 173 15.78 3.64 -9.38
N VAL B 174 16.14 4.29 -8.27
CA VAL B 174 16.63 5.66 -8.28
C VAL B 174 18.09 5.60 -7.90
N ILE B 175 18.93 6.26 -8.70
CA ILE B 175 20.37 6.29 -8.49
C ILE B 175 20.80 7.75 -8.32
N LEU B 176 21.49 8.03 -7.23
CA LEU B 176 22.07 9.34 -6.91
C LEU B 176 23.56 9.15 -6.73
N ALA B 177 24.37 9.91 -7.47
CA ALA B 177 25.82 9.75 -7.43
C ALA B 177 26.50 11.08 -7.10
N ARG B 178 27.50 11.00 -6.21
CA ARG B 178 28.29 12.16 -5.81
C ARG B 178 29.76 11.89 -6.13
N ARG B 179 30.34 12.81 -6.89
CA ARG B 179 31.70 12.63 -7.41
C ARG B 179 32.71 12.49 -6.28
N SER B 180 32.72 13.45 -5.34
CA SER B 180 33.53 13.37 -4.14
C SER B 180 32.83 14.16 -3.04
N SER B 181 33.27 13.93 -1.79
CA SER B 181 32.61 14.60 -0.67
C SER B 181 32.85 16.10 -0.68
N VAL B 182 34.02 16.53 -1.18
CA VAL B 182 34.36 17.95 -1.20
C VAL B 182 34.18 18.59 -2.57
N SER B 183 33.88 17.81 -3.61
CA SER B 183 33.71 18.36 -4.94
C SER B 183 32.51 19.29 -5.00
N THR B 184 32.63 20.36 -5.79
CA THR B 184 31.51 21.26 -6.04
C THR B 184 30.72 20.90 -7.29
N GLU B 185 31.04 19.76 -7.92
CA GLU B 185 30.24 19.29 -9.04
C GLU B 185 28.83 18.97 -8.55
N PRO B 186 27.79 19.33 -9.31
CA PRO B 186 26.43 18.92 -8.93
C PRO B 186 26.31 17.40 -8.82
N LEU B 187 25.39 16.93 -7.97
CA LEU B 187 25.07 15.52 -7.93
C LEU B 187 24.42 15.09 -9.23
N ALA B 188 24.47 13.79 -9.48
CA ALA B 188 23.86 13.19 -10.66
C ALA B 188 22.76 12.24 -10.24
N LEU B 189 21.61 12.30 -10.91
CA LEU B 189 20.47 11.49 -10.50
C LEU B 189 19.76 10.91 -11.72
N GLY B 190 19.26 9.70 -11.56
CA GLY B 190 18.39 9.09 -12.54
C GLY B 190 17.37 8.19 -11.89
N ALA B 191 16.19 8.13 -12.48
CA ALA B 191 15.11 7.26 -12.03
C ALA B 191 14.69 6.37 -13.20
N PHE B 192 14.48 5.09 -12.91
CA PHE B 192 14.21 4.07 -13.93
C PHE B 192 13.08 3.17 -13.47
N VAL B 193 12.23 2.78 -14.43
CA VAL B 193 11.08 1.88 -14.18
C VAL B 193 11.12 0.81 -15.25
N VAL B 194 11.25 -0.44 -14.82
CA VAL B 194 11.39 -1.58 -15.72
C VAL B 194 10.25 -2.56 -15.52
N PRO B 195 9.66 -3.12 -16.57
CA PRO B 195 8.61 -4.12 -16.37
C PRO B 195 9.19 -5.42 -15.83
N ASN B 196 8.39 -6.10 -15.02
CA ASN B 196 8.81 -7.34 -14.34
C ASN B 196 8.60 -8.52 -15.28
N GLU B 197 9.43 -8.55 -16.32
CA GLU B 197 9.30 -9.51 -17.42
C GLU B 197 10.64 -9.57 -18.12
N ALA B 198 10.80 -10.56 -19.00
CA ALA B 198 12.08 -10.71 -19.72
C ALA B 198 12.32 -9.52 -20.64
N ILE B 199 13.55 -9.01 -20.63
CA ILE B 199 13.96 -7.86 -21.42
C ILE B 199 15.29 -8.21 -22.05
N GLY B 200 15.39 -8.06 -23.35
CA GLY B 200 16.58 -8.48 -24.05
C GLY B 200 17.71 -7.47 -23.94
N PHE B 201 18.65 -7.60 -24.86
CA PHE B 201 19.81 -6.71 -24.94
C PHE B 201 19.55 -5.50 -25.81
N GLN B 202 18.39 -5.41 -26.45
CA GLN B 202 18.13 -4.35 -27.42
C GLN B 202 17.84 -3.01 -26.73
N PRO B 203 16.90 -2.93 -25.81
CA PRO B 203 16.57 -1.61 -25.22
C PRO B 203 17.69 -1.08 -24.34
N GLN B 204 18.08 0.16 -24.59
CA GLN B 204 19.01 0.86 -23.74
C GLN B 204 18.33 1.26 -22.44
N LEU B 205 19.11 1.33 -21.37
CA LEU B 205 18.57 1.71 -20.07
C LEU B 205 17.79 3.03 -20.13
N THR B 206 18.22 3.97 -20.97
CA THR B 206 17.53 5.25 -21.05
C THR B 206 16.08 5.11 -21.52
N GLU B 207 15.75 4.03 -22.23
CA GLU B 207 14.37 3.81 -22.62
C GLU B 207 13.47 3.63 -21.40
N PHE B 208 14.02 3.23 -20.27
CA PHE B 208 13.24 3.03 -19.05
C PHE B 208 13.37 4.19 -18.08
N GLN B 209 14.04 5.27 -18.47
CA GLN B 209 14.21 6.40 -17.56
C GLN B 209 12.92 7.19 -17.43
N VAL B 210 12.67 7.69 -16.23
CA VAL B 210 11.52 8.53 -15.94
C VAL B 210 12.00 9.67 -15.07
N SER B 211 11.21 10.74 -15.02
CA SER B 211 11.52 11.85 -14.11
C SER B 211 11.30 11.41 -12.67
N LEU B 212 12.12 11.94 -11.76
CA LEU B 212 11.94 11.64 -10.35
C LEU B 212 10.51 11.95 -9.93
N GLN B 213 9.98 13.08 -10.39
CA GLN B 213 8.62 13.48 -9.99
C GLN B 213 7.58 12.45 -10.41
N ASP B 214 7.70 11.93 -11.63
CA ASP B 214 6.75 10.94 -12.11
C ASP B 214 6.82 9.65 -11.31
N LEU B 215 8.04 9.20 -10.99
CA LEU B 215 8.17 7.98 -10.19
C LEU B 215 7.58 8.19 -8.79
N GLU B 216 7.82 9.36 -8.19
CA GLU B 216 7.25 9.63 -6.87
C GLU B 216 5.74 9.63 -6.92
N LYS B 217 5.15 10.22 -7.97
CA LYS B 217 3.70 10.19 -8.11
C LYS B 217 3.18 8.76 -8.29
N LEU B 218 3.92 7.91 -9.04
CA LEU B 218 3.48 6.55 -9.27
C LEU B 218 3.66 5.65 -8.04
N SER B 219 4.70 5.89 -7.25
CA SER B 219 5.04 5.04 -6.12
C SER B 219 4.45 5.53 -4.79
N GLY B 220 3.96 6.77 -4.72
CA GLY B 220 3.54 7.35 -3.47
C GLY B 220 4.67 7.61 -2.49
N LEU B 221 5.89 7.79 -2.97
CA LEU B 221 7.05 8.00 -2.11
C LEU B 221 7.74 9.29 -2.47
N VAL B 222 8.47 9.84 -1.50
CA VAL B 222 9.42 10.93 -1.72
C VAL B 222 10.81 10.37 -1.46
N PHE B 223 11.65 10.34 -2.49
CA PHE B 223 13.02 9.85 -2.36
C PHE B 223 13.97 10.96 -1.98
N PHE B 224 14.99 10.59 -1.20
CA PHE B 224 16.10 11.47 -0.83
C PHE B 224 15.55 12.84 -0.43
N PRO B 225 14.71 12.91 0.61
CA PRO B 225 14.06 14.17 0.96
C PRO B 225 15.00 15.25 1.40
N HIS B 226 16.24 14.92 1.75
CA HIS B 226 17.19 15.93 2.19
C HIS B 226 18.07 16.40 1.04
N LEU B 227 17.95 15.79 -0.13
CA LEU B 227 18.58 16.29 -1.34
C LEU B 227 17.98 17.64 -1.75
N ASP B 228 18.83 18.60 -2.05
CA ASP B 228 18.38 19.93 -2.42
C ASP B 228 18.06 19.93 -3.92
N ARG B 229 16.77 19.95 -4.25
CA ARG B 229 16.39 19.81 -5.65
C ARG B 229 16.43 21.13 -6.41
N THR B 230 16.57 22.24 -5.70
CA THR B 230 16.64 23.56 -6.31
C THR B 230 18.04 23.96 -6.72
N SER B 231 19.06 23.29 -6.19
CA SER B 231 20.38 23.42 -6.75
C SER B 231 20.48 22.56 -8.01
N ASP B 232 21.42 22.90 -8.87
CA ASP B 232 21.55 22.16 -10.11
C ASP B 232 21.83 20.69 -9.81
N ILE B 233 21.04 19.82 -10.41
CA ILE B 233 21.26 18.37 -10.37
C ILE B 233 21.34 17.90 -11.82
N ARG B 234 22.31 17.06 -12.12
CA ARG B 234 22.50 16.58 -13.48
C ARG B 234 21.75 15.28 -13.74
N ASN B 235 21.26 15.15 -14.97
CA ASN B 235 20.77 13.87 -15.45
C ASN B 235 21.92 12.89 -15.52
N ILE B 236 21.83 11.77 -14.78
CA ILE B 236 22.95 10.84 -14.75
C ILE B 236 23.22 10.24 -16.13
N CYS B 237 22.21 10.14 -16.99
CA CYS B 237 22.48 9.64 -18.34
C CYS B 237 23.10 10.70 -19.25
N SER B 238 23.18 11.95 -18.79
CA SER B 238 23.92 12.96 -19.53
C SER B 238 25.38 13.01 -19.08
N VAL B 239 25.62 13.05 -17.77
CA VAL B 239 26.98 13.18 -17.26
C VAL B 239 27.68 11.82 -17.26
N ASP B 240 26.93 10.73 -17.16
CA ASP B 240 27.46 9.36 -17.28
C ASP B 240 26.86 8.70 -18.52
N THR B 241 27.10 7.39 -18.66
CA THR B 241 26.78 6.65 -19.88
C THR B 241 25.38 6.05 -19.88
N CYS B 242 24.87 5.62 -18.71
CA CYS B 242 23.66 4.80 -18.65
C CYS B 242 23.72 3.66 -19.67
N LYS B 243 24.91 3.10 -19.86
CA LYS B 243 25.16 2.03 -20.82
C LYS B 243 25.38 0.73 -20.05
N LEU B 244 24.45 -0.21 -20.21
CA LEU B 244 24.60 -1.54 -19.63
C LEU B 244 25.60 -2.37 -20.44
N LEU B 245 26.10 -3.43 -19.81
CA LEU B 245 26.95 -4.38 -20.53
C LEU B 245 26.15 -5.00 -21.67
N ASP B 246 26.80 -5.10 -22.83
CA ASP B 246 26.20 -5.72 -23.99
C ASP B 246 26.37 -7.24 -23.93
N PHE B 247 25.79 -7.94 -24.91
CA PHE B 247 25.72 -9.39 -24.83
C PHE B 247 27.09 -10.01 -24.60
N GLN B 248 28.10 -9.60 -25.38
CA GLN B 248 29.41 -10.23 -25.28
C GLN B 248 30.06 -9.99 -23.92
N GLU B 249 30.01 -8.74 -23.44
CA GLU B 249 30.63 -8.42 -22.16
C GLU B 249 29.94 -9.14 -21.01
N PHE B 250 28.61 -9.17 -21.06
CA PHE B 250 27.83 -9.84 -20.02
C PHE B 250 28.15 -11.33 -19.99
N THR B 251 28.10 -11.97 -21.17
CA THR B 251 28.37 -13.40 -21.26
C THR B 251 29.79 -13.72 -20.79
N LEU B 252 30.76 -12.89 -21.16
CA LEU B 252 32.13 -13.13 -20.74
C LEU B 252 32.29 -13.00 -19.23
N TYR B 253 31.67 -11.97 -18.64
CA TYR B 253 31.69 -11.82 -17.19
C TYR B 253 31.07 -13.02 -16.49
N LEU B 254 29.89 -13.42 -16.93
CA LEU B 254 29.23 -14.58 -16.33
C LEU B 254 30.11 -15.83 -16.44
N SER B 255 30.65 -16.08 -17.63
CA SER B 255 31.53 -17.24 -17.83
C SER B 255 32.75 -17.17 -16.92
N THR B 256 33.34 -15.99 -16.79
CA THR B 256 34.47 -15.80 -15.89
C THR B 256 34.11 -16.22 -14.47
N ARG B 257 32.95 -15.77 -13.97
CA ARG B 257 32.58 -16.17 -12.62
C ARG B 257 32.27 -17.66 -12.53
N LYS B 258 31.76 -18.23 -13.63
CA LYS B 258 31.43 -19.65 -13.62
C LYS B 258 32.68 -20.53 -13.60
N ILE B 259 33.81 -20.00 -14.12
CA ILE B 259 35.06 -20.75 -14.06
C ILE B 259 35.35 -21.20 -12.64
N GLU B 260 35.26 -20.28 -11.68
CA GLU B 260 35.66 -20.59 -10.31
C GLU B 260 34.75 -21.65 -9.69
N GLY B 261 33.46 -21.65 -10.05
CA GLY B 261 32.55 -22.61 -9.45
C GLY B 261 32.66 -24.01 -10.03
N ALA B 262 33.14 -24.12 -11.27
CA ALA B 262 33.15 -25.41 -11.96
C ALA B 262 33.72 -26.51 -11.07
N ARG B 263 32.95 -27.60 -10.92
CA ARG B 263 33.34 -28.70 -10.06
C ARG B 263 34.01 -29.85 -10.81
N SER B 264 33.91 -29.88 -12.15
CA SER B 264 34.50 -30.95 -12.93
C SER B 264 35.04 -30.39 -14.24
N VAL B 265 35.89 -31.19 -14.88
CA VAL B 265 36.45 -30.81 -16.19
C VAL B 265 35.35 -30.69 -17.23
N LEU B 266 34.31 -31.53 -17.12
CA LEU B 266 33.19 -31.48 -18.07
C LEU B 266 32.54 -30.11 -18.06
N ARG B 267 32.13 -29.63 -16.88
CA ARG B 267 31.41 -28.37 -16.79
C ARG B 267 32.29 -27.20 -17.22
N LEU B 268 33.57 -27.20 -16.81
CA LEU B 268 34.48 -26.13 -17.21
C LEU B 268 34.62 -26.09 -18.73
N GLU B 269 34.92 -27.24 -19.32
CA GLU B 269 35.08 -27.31 -20.78
C GLU B 269 33.81 -26.86 -21.49
N LYS B 270 32.64 -27.20 -20.94
CA LYS B 270 31.41 -26.76 -21.58
C LYS B 270 31.25 -25.24 -21.48
N ILE B 271 31.73 -24.62 -20.41
CA ILE B 271 31.74 -23.16 -20.35
C ILE B 271 32.53 -22.59 -21.52
N MET B 272 33.73 -23.13 -21.74
CA MET B 272 34.54 -22.66 -22.87
C MET B 272 33.82 -22.91 -24.20
N GLU B 273 33.23 -24.09 -24.34
CA GLU B 273 32.59 -24.47 -25.60
C GLU B 273 31.43 -23.54 -25.91
N ASN B 274 30.64 -23.18 -24.90
CA ASN B 274 29.54 -22.25 -25.09
C ASN B 274 30.06 -20.90 -25.57
N LEU B 275 31.13 -20.42 -24.93
CA LEU B 275 31.73 -19.15 -25.38
C LEU B 275 32.10 -19.22 -26.86
N LYS B 276 32.90 -20.21 -27.25
CA LYS B 276 33.37 -20.25 -28.64
C LYS B 276 32.22 -20.54 -29.62
N ASN B 277 31.24 -21.33 -29.21
CA ASN B 277 30.08 -21.60 -30.06
C ASN B 277 29.30 -20.33 -30.35
N ALA B 278 29.27 -19.39 -29.41
CA ALA B 278 28.60 -18.12 -29.67
C ALA B 278 29.49 -17.10 -30.38
N GLU B 279 30.69 -17.50 -30.82
CA GLU B 279 31.63 -16.58 -31.49
C GLU B 279 32.11 -15.48 -30.54
N ILE B 280 32.21 -15.79 -29.26
CA ILE B 280 32.77 -14.86 -28.27
C ILE B 280 34.23 -15.24 -28.04
N GLU B 281 35.09 -14.24 -28.01
CA GLU B 281 36.52 -14.48 -27.81
C GLU B 281 36.86 -14.28 -26.33
N PRO B 282 37.49 -15.25 -25.68
CA PRO B 282 37.98 -15.01 -24.32
C PRO B 282 39.14 -14.03 -24.31
N ASP B 283 39.29 -13.34 -23.19
CA ASP B 283 40.41 -12.42 -22.98
C ASP B 283 41.51 -13.10 -22.16
N ASP B 284 42.67 -12.42 -22.11
CA ASP B 284 43.85 -13.04 -21.51
C ASP B 284 43.62 -13.42 -20.05
N TYR B 285 43.01 -12.51 -19.27
CA TYR B 285 42.67 -12.83 -17.89
C TYR B 285 41.79 -14.08 -17.83
N PHE B 286 40.75 -14.13 -18.68
CA PHE B 286 39.85 -15.28 -18.70
C PHE B 286 40.62 -16.56 -19.00
N MET B 287 41.53 -16.53 -19.97
CA MET B 287 42.28 -17.73 -20.30
C MET B 287 43.25 -18.12 -19.20
N SER B 288 43.73 -17.14 -18.42
CA SER B 288 44.56 -17.44 -17.26
C SER B 288 43.77 -18.20 -16.21
N ARG B 289 42.65 -17.62 -15.75
CA ARG B 289 41.81 -18.32 -14.79
C ARG B 289 41.35 -19.66 -15.32
N TYR B 290 41.02 -19.72 -16.61
CA TYR B 290 40.48 -20.94 -17.20
C TYR B 290 41.54 -22.04 -17.21
N GLU B 291 42.77 -21.71 -17.60
CA GLU B 291 43.83 -22.72 -17.63
C GLU B 291 44.20 -23.16 -16.22
N LYS B 292 44.28 -22.23 -15.27
CA LYS B 292 44.54 -22.60 -13.88
C LYS B 292 43.49 -23.60 -13.39
N LYS B 293 42.21 -23.22 -13.49
CA LYS B 293 41.14 -24.09 -12.99
C LYS B 293 41.14 -25.43 -13.71
N LEU B 294 41.33 -25.42 -15.03
CA LEU B 294 41.35 -26.67 -15.79
C LEU B 294 42.48 -27.57 -15.34
N GLU B 295 43.67 -27.00 -15.13
CA GLU B 295 44.79 -27.79 -14.60
C GLU B 295 44.43 -28.39 -13.25
N GLU B 296 43.83 -27.60 -12.36
CA GLU B 296 43.52 -28.09 -11.02
C GLU B 296 42.47 -29.20 -11.05
N LEU B 297 41.47 -29.07 -11.92
CA LEU B 297 40.40 -30.08 -11.97
C LEU B 297 40.88 -31.36 -12.66
N LYS B 298 41.71 -31.23 -13.69
CA LYS B 298 42.29 -32.43 -14.29
C LYS B 298 43.17 -33.16 -13.29
N ALA B 299 43.86 -32.43 -12.43
CA ALA B 299 44.75 -33.03 -11.45
C ALA B 299 43.96 -33.54 -10.24
MG MG G . -20.92 7.34 2.81
MG MG H . 18.12 -10.09 -8.38
#